data_4RC7
#
_entry.id   4RC7
#
_cell.length_a   62.014
_cell.length_b   62.109
_cell.length_c   125.003
_cell.angle_alpha   90.00
_cell.angle_beta   90.00
_cell.angle_gamma   90.00
#
_symmetry.space_group_name_H-M   'P 21 21 21'
#
loop_
_entity.id
_entity.type
_entity.pdbx_description
1 polymer 'Aldehyde decarbonylase'
2 polymer 'Aldehyde decarbonylase'
3 non-polymer HEXADECAN-1-OL
4 non-polymer 'FE (II) ION'
5 water water
#
loop_
_entity_poly.entity_id
_entity_poly.type
_entity_poly.pdbx_seq_one_letter_code
_entity_poly.pdbx_strand_id
1 'polypeptide(L)'
;DFQSESYKDAYSRINAIVIEGEQEAFDNYNRLAEMLPDQRDELHKLAKMEQRHMKGFMACGKNLSVTPDMGFAQKYYERL
HENFKAAAAEGKVVTCLLIQSLIIECFAIAAYNIYIPVADAFARKITEGVVRDEYLHRNFGEEWLKANFDASKAELEEAN
RQNLPLVWLMLNEVADDARELGMERESLVEDFMIAYGEALENIGFTTREIMRMSAYGLAA
;
A
2 'polypeptide(L)'
;LDFQSESYKDAYSRINAIVIEGEQEAFDNYNRLAEMLPDQRDELHKLAKMEQRHMKGFMACGKNLSVTPDMGFAQKYYER
LHENFKAAAAEGKVVTCLLIQSLIIECFAIAAYNIYIPVADAFARKITEGVVRDEYLHRNFGEEWLKANFDASKAELEEA
NRQNLPLVWLMLNEVADDARELGMERESLVEDFMIAYGEALENIGFTTREIMRMSAYGLAAV
;
B
#
# COMPACT_ATOMS: atom_id res chain seq x y z
N ASP A 1 7.74 33.16 7.41
CA ASP A 1 7.14 32.01 8.06
C ASP A 1 5.79 32.36 8.64
N PHE A 2 4.75 32.27 7.88
CA PHE A 2 3.36 32.59 8.26
C PHE A 2 2.98 33.82 7.53
N GLN A 3 3.88 34.79 7.51
CA GLN A 3 3.66 35.99 6.76
C GLN A 3 4.47 35.96 5.49
N SER A 4 5.34 35.02 5.32
CA SER A 4 6.01 34.93 4.08
C SER A 4 5.12 34.75 2.87
N GLU A 5 5.64 35.09 1.72
CA GLU A 5 4.84 34.94 0.53
C GLU A 5 4.69 33.48 0.07
N SER A 6 5.65 32.65 0.40
CA SER A 6 5.58 31.25 0.08
C SER A 6 4.61 30.46 0.95
N TYR A 7 4.58 30.79 2.20
CA TYR A 7 3.66 30.21 3.16
C TYR A 7 2.21 30.59 2.84
N LYS A 8 2.00 31.86 2.52
CA LYS A 8 0.67 32.38 2.25
C LYS A 8 0.05 31.81 0.97
N ASP A 9 0.88 31.60 -0.04
CA ASP A 9 0.46 30.95 -1.29
C ASP A 9 0.00 29.51 -1.00
N ALA A 10 0.85 28.74 -0.32
CA ALA A 10 0.50 27.37 0.04
C ALA A 10 -0.72 27.32 0.96
N TYR A 11 -0.80 28.24 1.92
CA TYR A 11 -1.95 28.26 2.82
C TYR A 11 -3.23 28.55 2.07
N SER A 12 -3.13 29.26 0.95
CA SER A 12 -4.34 29.62 0.20
C SER A 12 -5.05 28.38 -0.34
N ARG A 13 -4.27 27.41 -0.79
CA ARG A 13 -4.82 26.16 -1.28
C ARG A 13 -5.23 25.20 -0.17
N ILE A 14 -4.37 25.04 0.84
CA ILE A 14 -4.65 24.17 1.98
C ILE A 14 -5.91 24.61 2.73
N ASN A 15 -5.95 25.87 3.11
CA ASN A 15 -7.11 26.43 3.81
C ASN A 15 -8.39 26.28 2.98
N ALA A 16 -8.31 26.50 1.67
CA ALA A 16 -9.47 26.28 0.81
C ALA A 16 -9.87 24.80 0.85
N ILE A 17 -8.87 23.92 0.89
CA ILE A 17 -9.16 22.47 0.88
C ILE A 17 -9.88 22.01 2.15
N VAL A 18 -9.45 22.52 3.30
CA VAL A 18 -10.08 22.11 4.54
C VAL A 18 -11.49 22.67 4.65
N ILE A 19 -11.67 23.93 4.28
CA ILE A 19 -13.00 24.54 4.25
C ILE A 19 -13.95 23.77 3.33
N GLU A 20 -13.52 23.51 2.10
CA GLU A 20 -14.37 22.74 1.17
C GLU A 20 -14.68 21.35 1.72
N GLY A 21 -13.70 20.74 2.35
CA GLY A 21 -13.86 19.42 2.95
C GLY A 21 -14.90 19.39 4.05
N GLU A 22 -14.87 20.40 4.93
CA GLU A 22 -15.82 20.48 6.03
C GLU A 22 -17.24 20.70 5.50
N GLN A 23 -17.35 21.56 4.50
CA GLN A 23 -18.61 21.86 3.83
C GLN A 23 -19.21 20.60 3.20
N GLU A 24 -18.40 19.81 2.51
CA GLU A 24 -18.85 18.55 1.95
C GLU A 24 -19.20 17.54 3.02
N ALA A 25 -18.43 17.51 4.11
CA ALA A 25 -18.73 16.63 5.25
C ALA A 25 -20.11 16.99 5.82
N PHE A 26 -20.39 18.28 5.92
CA PHE A 26 -21.71 18.73 6.35
C PHE A 26 -22.85 18.16 5.50
N ASP A 27 -22.69 18.26 4.18
CA ASP A 27 -23.69 17.77 3.27
C ASP A 27 -23.77 16.25 3.29
N ASN A 28 -22.60 15.62 3.38
CA ASN A 28 -22.55 14.17 3.41
C ASN A 28 -23.35 13.59 4.57
N TYR A 29 -23.13 14.12 5.79
CA TYR A 29 -23.77 13.56 6.97
C TYR A 29 -25.27 13.85 7.00
N ASN A 30 -25.67 15.00 6.46
CA ASN A 30 -27.11 15.26 6.26
C ASN A 30 -27.75 14.27 5.33
N ARG A 31 -27.08 13.95 4.23
CA ARG A 31 -27.62 12.95 3.31
C ARG A 31 -27.69 11.57 3.99
N LEU A 32 -26.65 11.24 4.75
CA LEU A 32 -26.63 10.00 5.49
C LEU A 32 -27.79 9.91 6.48
N ALA A 33 -28.07 11.02 7.18
CA ALA A 33 -29.20 11.09 8.08
C ALA A 33 -30.53 10.74 7.37
N GLU A 34 -30.65 11.10 6.10
CA GLU A 34 -31.77 10.67 5.26
C GLU A 34 -31.81 9.16 5.07
N MET A 35 -30.64 8.58 4.88
CA MET A 35 -30.54 7.20 4.51
C MET A 35 -30.59 6.26 5.70
N LEU A 36 -30.28 6.76 6.89
CA LEU A 36 -30.27 5.92 8.06
C LEU A 36 -31.23 6.46 9.12
N PRO A 37 -32.53 6.16 9.00
CA PRO A 37 -33.53 6.70 9.93
C PRO A 37 -33.27 6.44 11.41
N ASP A 38 -32.80 5.25 11.77
CA ASP A 38 -32.49 4.92 13.19
C ASP A 38 -31.42 5.81 13.84
N GLN A 39 -30.48 6.31 13.04
CA GLN A 39 -29.40 7.18 13.53
C GLN A 39 -29.53 8.62 13.02
N ARG A 40 -30.75 8.99 12.62
CA ARG A 40 -31.03 10.31 12.03
C ARG A 40 -30.59 11.49 12.91
N ASP A 41 -30.89 11.45 14.21
CA ASP A 41 -30.51 12.55 15.11
C ASP A 41 -29.01 12.62 15.42
N GLU A 42 -28.37 11.45 15.54
CA GLU A 42 -26.94 11.37 15.77
C GLU A 42 -26.19 11.96 14.56
N LEU A 43 -26.58 11.55 13.36
CA LEU A 43 -25.96 12.04 12.13
C LEU A 43 -26.14 13.54 11.93
N HIS A 44 -27.31 14.05 12.35
CA HIS A 44 -27.57 15.50 12.32
C HIS A 44 -26.64 16.22 13.27
N LYS A 45 -26.32 15.62 14.41
CA LYS A 45 -25.31 16.19 15.31
C LYS A 45 -23.93 16.26 14.66
N LEU A 46 -23.54 15.20 13.95
CA LEU A 46 -22.25 15.15 13.26
C LEU A 46 -22.17 16.25 12.21
N ALA A 47 -23.23 16.37 11.40
CA ALA A 47 -23.35 17.48 10.43
C ALA A 47 -23.16 18.86 11.05
N LYS A 48 -23.80 19.13 12.19
CA LYS A 48 -23.65 20.43 12.84
C LYS A 48 -22.22 20.67 13.31
N MET A 49 -21.55 19.63 13.82
CA MET A 49 -20.12 19.73 14.12
C MET A 49 -19.32 20.15 12.87
N GLU A 50 -19.60 19.54 11.73
CA GLU A 50 -18.88 19.92 10.50
C GLU A 50 -19.04 21.42 10.15
N GLN A 51 -20.23 21.95 10.31
CA GLN A 51 -20.48 23.36 10.07
C GLN A 51 -19.61 24.24 10.96
N ARG A 52 -19.44 23.83 12.22
CA ARG A 52 -18.57 24.54 13.15
C ARG A 52 -17.10 24.51 12.69
N HIS A 53 -16.63 23.34 12.24
CA HIS A 53 -15.27 23.22 11.71
C HIS A 53 -15.05 24.14 10.54
N MET A 54 -16.02 24.19 9.63
CA MET A 54 -15.88 25.01 8.45
C MET A 54 -15.68 26.46 8.85
N LYS A 55 -16.55 26.95 9.72
CA LYS A 55 -16.44 28.31 10.25
C LYS A 55 -15.11 28.58 10.94
N GLY A 56 -14.63 27.63 11.74
CA GLY A 56 -13.34 27.77 12.41
C GLY A 56 -12.17 27.89 11.43
N PHE A 57 -12.19 27.12 10.35
CA PHE A 57 -11.10 27.21 9.38
C PHE A 57 -11.18 28.43 8.48
N MET A 58 -12.40 28.92 8.26
CA MET A 58 -12.56 30.18 7.54
C MET A 58 -11.87 31.27 8.35
N ALA A 59 -12.06 31.23 9.68
CA ALA A 59 -11.40 32.18 10.58
C ALA A 59 -9.86 32.07 10.58
N CYS A 60 -9.32 30.84 10.57
CA CYS A 60 -7.88 30.64 10.40
C CYS A 60 -7.29 31.37 9.19
N GLY A 61 -7.97 31.29 8.04
CA GLY A 61 -7.55 32.01 6.82
C GLY A 61 -7.55 33.53 6.95
N LYS A 62 -8.63 34.08 7.50
CA LYS A 62 -8.71 35.51 7.82
C LYS A 62 -7.56 35.97 8.72
N ASN A 63 -7.24 35.18 9.75
CA ASN A 63 -6.15 35.52 10.69
C ASN A 63 -4.75 35.62 10.05
N LEU A 64 -4.50 34.86 8.99
CA LEU A 64 -3.23 35.00 8.26
C LEU A 64 -3.34 35.92 7.04
N SER A 65 -4.48 36.57 6.91
CA SER A 65 -4.81 37.45 5.78
C SER A 65 -4.68 36.71 4.46
N VAL A 66 -5.32 35.54 4.41
CA VAL A 66 -5.22 34.66 3.23
C VAL A 66 -6.59 34.51 2.60
N THR A 67 -6.66 34.74 1.29
CA THR A 67 -7.85 34.45 0.50
C THR A 67 -7.77 33.01 0.04
N PRO A 68 -8.73 32.18 0.46
CA PRO A 68 -8.81 30.76 0.09
C PRO A 68 -9.09 30.58 -1.40
N ASP A 69 -8.31 29.75 -2.07
CA ASP A 69 -8.50 29.42 -3.50
C ASP A 69 -9.55 28.30 -3.63
N MET A 70 -10.82 28.69 -3.55
CA MET A 70 -11.92 27.71 -3.54
C MET A 70 -12.05 26.92 -4.83
N GLY A 71 -11.69 27.54 -5.94
CA GLY A 71 -11.77 26.86 -7.23
C GLY A 71 -10.83 25.67 -7.28
N PHE A 72 -9.63 25.84 -6.73
CA PHE A 72 -8.69 24.73 -6.62
C PHE A 72 -9.25 23.62 -5.73
N ALA A 73 -9.93 23.99 -4.65
CA ALA A 73 -10.46 23.02 -3.69
C ALA A 73 -11.64 22.23 -4.25
N GLN A 74 -12.55 22.92 -4.95
CA GLN A 74 -13.66 22.24 -5.62
C GLN A 74 -13.13 21.12 -6.50
N LYS A 75 -12.12 21.42 -7.31
CA LYS A 75 -11.62 20.43 -8.24
C LYS A 75 -10.92 19.29 -7.51
N TYR A 76 -10.32 19.61 -6.38
CA TYR A 76 -9.63 18.66 -5.52
C TYR A 76 -10.57 17.53 -5.08
N TYR A 77 -11.77 17.90 -4.65
CA TYR A 77 -12.74 16.96 -4.11
C TYR A 77 -13.69 16.32 -5.12
N GLU A 78 -13.78 16.90 -6.31
CA GLU A 78 -14.80 16.54 -7.30
C GLU A 78 -15.06 15.05 -7.51
N ARG A 79 -14.02 14.31 -7.87
CA ARG A 79 -14.19 12.90 -8.20
C ARG A 79 -14.75 12.13 -7.01
N LEU A 80 -14.13 12.32 -5.85
CA LEU A 80 -14.57 11.61 -4.65
C LEU A 80 -15.95 12.07 -4.25
N HIS A 81 -16.20 13.36 -4.34
CA HIS A 81 -17.55 13.84 -4.00
C HIS A 81 -18.65 13.32 -4.91
N GLU A 82 -18.36 13.23 -6.21
CA GLU A 82 -19.37 12.74 -7.14
C GLU A 82 -19.62 11.27 -6.92
N ASN A 83 -18.61 10.55 -6.45
CA ASN A 83 -18.81 9.15 -6.07
C ASN A 83 -19.77 8.98 -4.90
N PHE A 84 -19.60 9.77 -3.85
CA PHE A 84 -20.51 9.82 -2.75
C PHE A 84 -21.95 10.05 -3.23
N LYS A 85 -22.14 11.13 -3.93
CA LYS A 85 -23.40 11.51 -4.53
C LYS A 85 -24.12 10.40 -5.31
N ALA A 86 -23.44 9.78 -6.23
CA ALA A 86 -23.91 8.63 -6.94
C ALA A 86 -24.28 7.46 -6.01
N ALA A 87 -23.43 7.18 -5.04
CA ALA A 87 -23.78 6.12 -4.09
C ALA A 87 -25.06 6.47 -3.31
N ALA A 88 -25.14 7.71 -2.83
CA ALA A 88 -26.33 8.21 -2.15
C ALA A 88 -27.61 8.05 -3.02
N ALA A 89 -27.51 8.38 -4.30
CA ALA A 89 -28.66 8.27 -5.22
C ALA A 89 -29.16 6.82 -5.38
N GLU A 90 -28.23 5.86 -5.36
CA GLU A 90 -28.56 4.45 -5.52
C GLU A 90 -28.88 3.79 -4.18
N GLY A 91 -28.90 4.55 -3.10
CA GLY A 91 -29.28 4.03 -1.79
C GLY A 91 -28.17 3.24 -1.09
N LYS A 92 -26.95 3.33 -1.62
CA LYS A 92 -25.79 2.57 -1.08
C LYS A 92 -25.18 3.23 0.17
N VAL A 93 -25.81 3.01 1.33
CA VAL A 93 -25.35 3.64 2.59
C VAL A 93 -23.91 3.25 2.97
N VAL A 94 -23.58 1.98 2.77
CA VAL A 94 -22.26 1.45 3.13
C VAL A 94 -21.14 2.21 2.43
N THR A 95 -21.29 2.42 1.13
CA THR A 95 -20.32 3.17 0.33
C THR A 95 -20.17 4.58 0.85
N CYS A 96 -21.31 5.22 1.13
CA CYS A 96 -21.31 6.57 1.64
C CYS A 96 -20.63 6.66 3.00
N LEU A 97 -20.88 5.68 3.85
CA LEU A 97 -20.28 5.68 5.18
C LEU A 97 -18.79 5.45 5.05
N LEU A 98 -18.38 4.57 4.14
CA LEU A 98 -16.97 4.30 3.97
C LEU A 98 -16.23 5.56 3.52
N ILE A 99 -16.75 6.19 2.48
CA ILE A 99 -16.14 7.41 1.95
C ILE A 99 -16.02 8.50 3.02
N GLN A 100 -17.14 8.88 3.65
CA GLN A 100 -17.10 10.00 4.59
C GLN A 100 -16.58 9.62 5.99
N SER A 101 -17.15 8.61 6.65
CA SER A 101 -16.74 8.37 8.05
C SER A 101 -15.43 7.59 8.26
N LEU A 102 -14.99 6.86 7.27
CA LEU A 102 -13.76 6.14 7.36
C LEU A 102 -12.64 6.76 6.56
N ILE A 103 -12.74 6.74 5.25
CA ILE A 103 -11.67 7.21 4.42
C ILE A 103 -11.38 8.69 4.65
N ILE A 104 -12.39 9.55 4.53
CA ILE A 104 -12.18 10.98 4.71
C ILE A 104 -11.78 11.36 6.15
N GLU A 105 -12.48 10.81 7.14
CA GLU A 105 -12.13 11.14 8.54
C GLU A 105 -10.71 10.70 8.87
N CYS A 106 -10.31 9.51 8.41
CA CYS A 106 -8.96 9.02 8.69
C CYS A 106 -7.91 9.91 8.07
N PHE A 107 -8.23 10.45 6.88
CA PHE A 107 -7.33 11.35 6.18
C PHE A 107 -7.21 12.65 6.96
N ALA A 108 -8.33 13.20 7.38
CA ALA A 108 -8.36 14.43 8.17
C ALA A 108 -7.64 14.27 9.51
N ILE A 109 -7.90 13.17 10.21
CA ILE A 109 -7.25 12.92 11.49
C ILE A 109 -5.73 12.94 11.33
N ALA A 110 -5.23 12.22 10.32
CA ALA A 110 -3.79 12.10 10.12
C ALA A 110 -3.16 13.45 9.75
N ALA A 111 -3.79 14.21 8.85
CA ALA A 111 -3.28 15.51 8.40
C ALA A 111 -3.40 16.60 9.49
N TYR A 112 -4.52 16.62 10.21
CA TYR A 112 -4.73 17.64 11.22
C TYR A 112 -3.73 17.45 12.38
N ASN A 113 -3.52 16.21 12.80
CA ASN A 113 -2.58 15.92 13.88
C ASN A 113 -1.14 16.28 13.48
N ILE A 114 -0.83 16.15 12.20
CA ILE A 114 0.48 16.57 11.66
C ILE A 114 0.61 18.10 11.57
N TYR A 115 -0.50 18.77 11.33
CA TYR A 115 -0.49 20.22 11.24
C TYR A 115 -0.36 20.89 12.62
N ILE A 116 -1.02 20.36 13.63
CA ILE A 116 -0.99 20.94 14.97
C ILE A 116 0.39 21.40 15.48
N PRO A 117 1.44 20.54 15.41
CA PRO A 117 2.72 21.00 15.94
C PRO A 117 3.40 22.12 15.17
N VAL A 118 3.01 22.35 13.91
CA VAL A 118 3.61 23.42 13.09
C VAL A 118 2.68 24.60 12.79
N ALA A 119 1.49 24.57 13.39
CA ALA A 119 0.46 25.56 13.10
C ALA A 119 0.68 26.82 13.94
N ASP A 120 0.33 27.99 13.39
CA ASP A 120 0.32 29.22 14.19
C ASP A 120 -0.61 29.01 15.38
N ALA A 121 -0.42 29.79 16.44
CA ALA A 121 -1.10 29.55 17.72
C ALA A 121 -2.63 29.61 17.63
N PHE A 122 -3.15 30.50 16.77
CA PHE A 122 -4.61 30.62 16.62
C PHE A 122 -5.18 29.36 15.94
N ALA A 123 -4.56 28.96 14.83
CA ALA A 123 -5.01 27.79 14.04
C ALA A 123 -4.80 26.50 14.80
N ARG A 124 -3.78 26.49 15.65
CA ARG A 124 -3.47 25.33 16.49
C ARG A 124 -4.60 25.04 17.47
N LYS A 125 -5.12 26.07 18.12
CA LYS A 125 -6.26 25.92 19.02
C LYS A 125 -7.51 25.47 18.29
N ILE A 126 -7.83 26.08 17.15
CA ILE A 126 -8.97 25.63 16.34
C ILE A 126 -8.83 24.16 15.98
N THR A 127 -7.66 23.78 15.46
CA THR A 127 -7.50 22.44 14.90
C THR A 127 -7.58 21.40 16.00
N GLU A 128 -6.99 21.68 17.16
CA GLU A 128 -7.10 20.79 18.32
C GLU A 128 -8.56 20.50 18.62
N GLY A 129 -9.40 21.51 18.55
CA GLY A 129 -10.83 21.33 18.83
C GLY A 129 -11.51 20.53 17.74
N VAL A 130 -11.10 20.79 16.51
CA VAL A 130 -11.60 20.07 15.37
C VAL A 130 -11.25 18.58 15.44
N VAL A 131 -9.99 18.25 15.66
CA VAL A 131 -9.59 16.84 15.66
C VAL A 131 -10.30 16.03 16.73
N ARG A 132 -10.67 16.65 17.86
CA ARG A 132 -11.46 15.97 18.89
C ARG A 132 -12.74 15.40 18.32
N ASP A 133 -13.44 16.20 17.52
CA ASP A 133 -14.69 15.74 16.86
C ASP A 133 -14.45 14.68 15.80
N GLU A 134 -13.36 14.78 15.05
CA GLU A 134 -13.08 13.81 14.00
C GLU A 134 -13.00 12.37 14.54
N TYR A 135 -12.43 12.20 15.74
CA TYR A 135 -12.40 10.87 16.36
C TYR A 135 -13.80 10.33 16.50
N LEU A 136 -14.74 11.19 16.90
CA LEU A 136 -16.13 10.73 17.12
C LEU A 136 -16.81 10.34 15.81
N HIS A 137 -16.51 11.08 14.75
CA HIS A 137 -17.09 10.82 13.43
C HIS A 137 -16.61 9.50 12.89
N ARG A 138 -15.29 9.25 12.96
CA ARG A 138 -14.74 7.96 12.57
C ARG A 138 -15.32 6.82 13.43
N ASN A 139 -15.45 7.07 14.74
CA ASN A 139 -16.02 6.07 15.66
C ASN A 139 -17.45 5.73 15.30
N PHE A 140 -18.23 6.72 14.89
CA PHE A 140 -19.60 6.44 14.43
C PHE A 140 -19.62 5.41 13.29
N GLY A 141 -18.87 5.68 12.23
CA GLY A 141 -18.84 4.81 11.07
C GLY A 141 -18.29 3.43 11.40
N GLU A 142 -17.21 3.37 12.19
CA GLU A 142 -16.61 2.08 12.55
C GLU A 142 -17.61 1.23 13.31
N GLU A 143 -18.25 1.84 14.30
CA GLU A 143 -19.25 1.15 15.11
C GLU A 143 -20.38 0.59 14.24
N TRP A 144 -20.89 1.39 13.30
CA TRP A 144 -21.99 0.95 12.45
C TRP A 144 -21.55 -0.16 11.50
N LEU A 145 -20.41 0.03 10.84
CA LEU A 145 -19.92 -0.97 9.91
C LEU A 145 -19.53 -2.27 10.62
N LYS A 146 -18.98 -2.16 11.83
CA LYS A 146 -18.64 -3.36 12.60
C LYS A 146 -19.93 -4.13 12.95
N ALA A 147 -20.96 -3.41 13.38
CA ALA A 147 -22.23 -4.05 13.76
C ALA A 147 -22.95 -4.65 12.56
N ASN A 148 -22.67 -4.16 11.35
CA ASN A 148 -23.34 -4.64 10.14
C ASN A 148 -22.38 -5.27 9.14
N PHE A 149 -21.29 -5.83 9.66
CA PHE A 149 -20.14 -6.20 8.84
C PHE A 149 -20.46 -7.23 7.75
N ASP A 150 -21.11 -8.33 8.11
CA ASP A 150 -21.43 -9.39 7.15
C ASP A 150 -22.26 -8.88 5.95
N ALA A 151 -23.36 -8.18 6.22
CA ALA A 151 -24.17 -7.57 5.15
C ALA A 151 -23.41 -6.49 4.35
N SER A 152 -22.40 -5.84 4.95
CA SER A 152 -21.75 -4.69 4.32
C SER A 152 -20.45 -5.02 3.61
N LYS A 153 -19.93 -6.22 3.87
CA LYS A 153 -18.56 -6.55 3.54
C LYS A 153 -18.25 -6.44 2.05
N ALA A 154 -19.14 -6.96 1.22
CA ALA A 154 -18.92 -7.01 -0.23
C ALA A 154 -18.91 -5.62 -0.82
N GLU A 155 -19.84 -4.80 -0.36
CA GLU A 155 -19.90 -3.41 -0.82
C GLU A 155 -18.71 -2.58 -0.28
N LEU A 156 -18.27 -2.85 0.94
CA LEU A 156 -17.10 -2.18 1.47
C LEU A 156 -15.89 -2.41 0.59
N GLU A 157 -15.68 -3.66 0.19
CA GLU A 157 -14.57 -4.01 -0.67
C GLU A 157 -14.64 -3.27 -1.99
N GLU A 158 -15.82 -3.19 -2.56
CA GLU A 158 -15.95 -2.55 -3.86
C GLU A 158 -15.77 -1.03 -3.73
N ALA A 159 -16.34 -0.47 -2.67
CA ALA A 159 -16.28 0.96 -2.42
C ALA A 159 -14.83 1.39 -2.19
N ASN A 160 -14.12 0.58 -1.40
CA ASN A 160 -12.70 0.83 -1.16
C ASN A 160 -11.90 0.84 -2.44
N ARG A 161 -12.12 -0.16 -3.29
CA ARG A 161 -11.38 -0.24 -4.56
C ARG A 161 -11.56 1.00 -5.42
N GLN A 162 -12.79 1.51 -5.49
CA GLN A 162 -13.06 2.70 -6.29
C GLN A 162 -12.59 3.99 -5.64
N ASN A 163 -12.63 4.04 -4.31
CA ASN A 163 -12.47 5.34 -3.66
C ASN A 163 -11.17 5.60 -2.94
N LEU A 164 -10.55 4.54 -2.42
CA LEU A 164 -9.24 4.69 -1.76
C LEU A 164 -8.18 5.31 -2.67
N PRO A 165 -8.09 4.87 -3.95
CA PRO A 165 -7.10 5.55 -4.81
C PRO A 165 -7.35 7.03 -5.02
N LEU A 166 -8.61 7.47 -5.01
CA LEU A 166 -8.91 8.90 -5.16
C LEU A 166 -8.29 9.73 -4.05
N VAL A 167 -8.32 9.17 -2.84
CA VAL A 167 -7.78 9.86 -1.67
C VAL A 167 -6.25 9.88 -1.66
N TRP A 168 -5.66 8.81 -2.15
CA TRP A 168 -4.22 8.76 -2.36
C TRP A 168 -3.75 9.79 -3.36
N LEU A 169 -4.53 9.96 -4.44
CA LEU A 169 -4.26 11.03 -5.40
C LEU A 169 -4.38 12.39 -4.72
N MET A 170 -5.42 12.57 -3.90
CA MET A 170 -5.57 13.81 -3.14
C MET A 170 -4.42 14.04 -2.17
N LEU A 171 -3.96 12.97 -1.52
CA LEU A 171 -2.83 13.08 -0.61
C LEU A 171 -1.59 13.51 -1.40
N ASN A 172 -1.38 12.90 -2.55
CA ASN A 172 -0.24 13.25 -3.40
C ASN A 172 -0.27 14.65 -3.98
N GLU A 173 -1.47 15.12 -4.36
CA GLU A 173 -1.63 16.46 -4.89
C GLU A 173 -1.35 17.56 -3.86
N VAL A 174 -1.63 17.27 -2.59
CA VAL A 174 -1.50 18.25 -1.53
C VAL A 174 -0.08 18.27 -0.92
N ALA A 175 0.75 17.28 -1.27
CA ALA A 175 2.04 17.07 -0.59
C ALA A 175 2.99 18.25 -0.63
N ASP A 176 3.07 18.92 -1.79
CA ASP A 176 3.96 20.07 -1.95
C ASP A 176 3.58 21.23 -1.04
N ASP A 177 2.32 21.67 -1.13
CA ASP A 177 1.84 22.74 -0.26
C ASP A 177 1.95 22.38 1.21
N ALA A 178 1.69 21.12 1.54
CA ALA A 178 1.80 20.66 2.91
C ALA A 178 3.22 20.84 3.46
N ARG A 179 4.23 20.48 2.65
CA ARG A 179 5.64 20.64 3.01
C ARG A 179 5.97 22.09 3.32
N GLU A 180 5.48 22.99 2.48
CA GLU A 180 5.62 24.42 2.72
C GLU A 180 5.05 24.86 4.08
N LEU A 181 4.02 24.18 4.56
CA LEU A 181 3.43 24.45 5.86
C LEU A 181 4.17 23.68 6.95
N GLY A 182 5.23 22.97 6.56
CA GLY A 182 6.09 22.28 7.52
C GLY A 182 5.59 20.89 7.86
N MET A 183 4.73 20.33 7.01
CA MET A 183 4.21 18.98 7.21
C MET A 183 4.88 18.00 6.24
N GLU A 184 5.61 17.02 6.77
CA GLU A 184 6.33 16.12 5.88
C GLU A 184 5.44 15.01 5.29
N ARG A 185 5.57 14.80 3.99
CA ARG A 185 4.77 13.81 3.26
C ARG A 185 4.80 12.43 3.90
N GLU A 186 6.01 11.96 4.22
CA GLU A 186 6.21 10.63 4.74
C GLU A 186 5.46 10.39 6.05
N SER A 187 5.36 11.42 6.89
CA SER A 187 4.52 11.37 8.08
C SER A 187 3.03 11.22 7.71
N LEU A 188 2.60 11.97 6.71
CA LEU A 188 1.20 11.94 6.26
C LEU A 188 0.80 10.56 5.71
N VAL A 189 1.63 10.01 4.84
CA VAL A 189 1.38 8.71 4.20
C VAL A 189 1.28 7.59 5.25
N GLU A 190 2.34 7.46 6.06
CA GLU A 190 2.37 6.49 7.14
C GLU A 190 1.16 6.60 8.09
N ASP A 191 0.86 7.82 8.55
CA ASP A 191 -0.22 8.00 9.52
C ASP A 191 -1.58 7.70 8.93
N PHE A 192 -1.78 8.06 7.66
CA PHE A 192 -3.03 7.76 7.02
C PHE A 192 -3.17 6.24 6.76
N MET A 193 -2.11 5.60 6.28
CA MET A 193 -2.15 4.13 6.06
C MET A 193 -2.41 3.36 7.35
N ILE A 194 -1.77 3.79 8.43
CA ILE A 194 -1.93 3.16 9.74
C ILE A 194 -3.35 3.33 10.26
N ALA A 195 -3.88 4.55 10.22
CA ALA A 195 -5.21 4.80 10.76
C ALA A 195 -6.28 4.07 9.94
N TYR A 196 -6.18 4.14 8.62
CA TYR A 196 -7.19 3.47 7.79
C TYR A 196 -7.05 1.95 7.93
N GLY A 197 -5.83 1.45 7.99
CA GLY A 197 -5.62 -0.01 8.15
C GLY A 197 -6.13 -0.48 9.50
N GLU A 198 -5.90 0.32 10.52
CA GLU A 198 -6.41 -0.03 11.85
C GLU A 198 -7.93 0.01 11.89
N ALA A 199 -8.53 1.00 11.25
CA ALA A 199 -9.99 1.06 11.19
C ALA A 199 -10.58 -0.15 10.45
N LEU A 200 -9.94 -0.58 9.37
CA LEU A 200 -10.38 -1.78 8.66
C LEU A 200 -10.29 -3.04 9.55
N GLU A 201 -9.20 -3.20 10.29
CA GLU A 201 -9.07 -4.32 11.24
C GLU A 201 -10.14 -4.28 12.34
N ASN A 202 -10.39 -3.10 12.89
CA ASN A 202 -11.47 -2.96 13.87
C ASN A 202 -12.85 -3.34 13.34
N ILE A 203 -13.09 -3.12 12.05
CA ILE A 203 -14.38 -3.42 11.41
C ILE A 203 -14.56 -4.92 11.25
N GLY A 204 -13.46 -5.63 10.98
CA GLY A 204 -13.48 -7.08 10.92
C GLY A 204 -12.64 -7.68 9.81
N PHE A 205 -11.88 -6.86 9.08
CA PHE A 205 -11.06 -7.43 7.99
C PHE A 205 -9.84 -8.18 8.47
N THR A 206 -9.45 -9.22 7.74
CA THR A 206 -8.22 -9.95 8.03
C THR A 206 -7.01 -9.20 7.48
N THR A 207 -5.82 -9.63 7.89
CA THR A 207 -4.57 -9.09 7.38
C THR A 207 -4.45 -9.12 5.84
N ARG A 208 -4.72 -10.26 5.21
CA ARG A 208 -4.62 -10.35 3.77
C ARG A 208 -5.63 -9.40 3.15
N GLU A 209 -6.81 -9.29 3.76
CA GLU A 209 -7.83 -8.39 3.25
C GLU A 209 -7.41 -6.92 3.39
N ILE A 210 -6.78 -6.59 4.52
CA ILE A 210 -6.27 -5.22 4.75
C ILE A 210 -5.13 -4.86 3.81
N MET A 211 -4.19 -5.78 3.62
CA MET A 211 -3.14 -5.60 2.64
C MET A 211 -3.76 -5.39 1.24
N ARG A 212 -4.74 -6.20 0.86
CA ARG A 212 -5.37 -6.05 -0.47
C ARG A 212 -6.03 -4.70 -0.57
N MET A 213 -6.82 -4.36 0.44
CA MET A 213 -7.53 -3.10 0.44
C MET A 213 -6.59 -1.87 0.42
N SER A 214 -5.53 -1.91 1.23
CA SER A 214 -4.53 -0.83 1.26
C SER A 214 -3.81 -0.69 -0.06
N ALA A 215 -3.48 -1.82 -0.67
CA ALA A 215 -2.68 -1.80 -1.90
C ALA A 215 -3.37 -1.14 -3.09
N TYR A 216 -4.71 -1.14 -3.13
CA TYR A 216 -5.45 -0.38 -4.16
C TYR A 216 -5.14 1.10 -4.12
N GLY A 217 -5.04 1.67 -2.93
CA GLY A 217 -4.58 3.06 -2.77
C GLY A 217 -3.11 3.29 -3.11
N LEU A 218 -2.24 2.44 -2.57
CA LEU A 218 -0.79 2.60 -2.74
C LEU A 218 -0.32 2.39 -4.20
N ALA A 219 -0.92 1.45 -4.91
CA ALA A 219 -0.55 1.21 -6.32
C ALA A 219 -0.98 2.37 -7.23
N ALA A 220 -1.87 3.21 -6.73
CA ALA A 220 -2.31 4.39 -7.46
C ALA A 220 -1.41 5.58 -7.12
N LEU B 1 -1.52 -11.53 -25.44
CA LEU B 1 -2.38 -11.96 -26.59
C LEU B 1 -1.61 -12.75 -27.66
N ASP B 2 -0.97 -12.04 -28.59
CA ASP B 2 -0.21 -12.66 -29.68
C ASP B 2 1.17 -13.13 -29.19
N PHE B 3 1.30 -14.41 -28.85
CA PHE B 3 2.55 -14.92 -28.30
C PHE B 3 3.68 -15.00 -29.33
N GLN B 4 3.34 -14.72 -30.59
CA GLN B 4 4.31 -14.77 -31.70
C GLN B 4 4.79 -13.40 -32.17
N SER B 5 4.09 -12.33 -31.78
CA SER B 5 4.46 -10.98 -32.20
C SER B 5 5.88 -10.64 -31.71
N GLU B 6 6.52 -9.72 -32.41
CA GLU B 6 7.87 -9.27 -32.06
C GLU B 6 7.89 -8.62 -30.67
N SER B 7 6.89 -7.79 -30.38
CA SER B 7 6.89 -7.02 -29.15
C SER B 7 6.66 -7.92 -27.93
N TYR B 8 5.84 -8.96 -28.08
CA TYR B 8 5.62 -9.93 -27.01
C TYR B 8 6.90 -10.70 -26.75
N LYS B 9 7.54 -11.15 -27.84
CA LYS B 9 8.74 -11.97 -27.74
C LYS B 9 9.89 -11.19 -27.18
N ASP B 10 10.00 -9.92 -27.56
CA ASP B 10 11.03 -9.03 -27.03
C ASP B 10 10.89 -8.81 -25.51
N ALA B 11 9.66 -8.55 -25.05
CA ALA B 11 9.39 -8.38 -23.61
C ALA B 11 9.63 -9.69 -22.87
N TYR B 12 9.29 -10.81 -23.51
CA TYR B 12 9.43 -12.11 -22.87
C TYR B 12 10.89 -12.42 -22.62
N SER B 13 11.76 -11.99 -23.54
CA SER B 13 13.20 -12.19 -23.40
C SER B 13 13.70 -11.68 -22.05
N ARG B 14 13.18 -10.53 -21.61
CA ARG B 14 13.59 -9.95 -20.32
C ARG B 14 12.89 -10.56 -19.13
N ILE B 15 11.56 -10.68 -19.20
CA ILE B 15 10.78 -11.27 -18.09
C ILE B 15 11.19 -12.71 -17.81
N ASN B 16 11.29 -13.51 -18.86
CA ASN B 16 11.76 -14.89 -18.70
C ASN B 16 13.17 -14.89 -18.12
N ALA B 17 14.02 -13.97 -18.54
CA ALA B 17 15.39 -13.90 -18.01
C ALA B 17 15.44 -13.56 -16.51
N ILE B 18 14.61 -12.61 -16.11
CA ILE B 18 14.51 -12.23 -14.71
C ILE B 18 13.99 -13.40 -13.88
N VAL B 19 13.02 -14.11 -14.41
CA VAL B 19 12.50 -15.28 -13.73
C VAL B 19 13.59 -16.34 -13.54
N ILE B 20 14.34 -16.64 -14.60
CA ILE B 20 15.43 -17.63 -14.50
C ILE B 20 16.54 -17.18 -13.54
N GLU B 21 16.97 -15.93 -13.68
CA GLU B 21 18.01 -15.35 -12.81
C GLU B 21 17.60 -15.31 -11.33
N GLY B 22 16.35 -14.95 -11.08
CA GLY B 22 15.79 -14.99 -9.74
C GLY B 22 15.88 -16.37 -9.12
N GLU B 23 15.60 -17.41 -9.90
CA GLU B 23 15.72 -18.79 -9.40
C GLU B 23 17.18 -19.18 -9.15
N GLN B 24 18.06 -18.86 -10.10
CA GLN B 24 19.49 -19.09 -9.93
C GLN B 24 20.08 -18.40 -8.71
N GLU B 25 19.57 -17.21 -8.39
CA GLU B 25 20.04 -16.51 -7.20
C GLU B 25 19.46 -17.09 -5.92
N ALA B 26 18.23 -17.61 -5.98
CA ALA B 26 17.66 -18.31 -4.84
C ALA B 26 18.40 -19.64 -4.59
N PHE B 27 18.89 -20.28 -5.63
CA PHE B 27 19.77 -21.45 -5.50
C PHE B 27 21.05 -21.09 -4.74
N ASP B 28 21.71 -20.03 -5.17
CA ASP B 28 22.93 -19.56 -4.51
C ASP B 28 22.69 -19.08 -3.08
N ASN B 29 21.66 -18.26 -2.88
CA ASN B 29 21.27 -17.79 -1.54
C ASN B 29 21.06 -18.94 -0.53
N TYR B 30 20.28 -19.94 -0.93
CA TYR B 30 19.97 -21.06 -0.02
C TYR B 30 21.22 -21.88 0.34
N ASN B 31 22.11 -22.09 -0.62
CA ASN B 31 23.41 -22.71 -0.31
C ASN B 31 24.29 -21.88 0.60
N ARG B 32 24.25 -20.56 0.43
CA ARG B 32 24.97 -19.68 1.35
C ARG B 32 24.39 -19.77 2.75
N LEU B 33 23.07 -19.90 2.83
CA LEU B 33 22.40 -19.94 4.12
C LEU B 33 22.68 -21.25 4.85
N ALA B 34 22.97 -22.31 4.10
CA ALA B 34 23.36 -23.59 4.67
C ALA B 34 24.70 -23.44 5.42
N GLU B 35 25.59 -22.59 4.91
CA GLU B 35 26.87 -22.29 5.58
C GLU B 35 26.66 -21.51 6.87
N MET B 36 25.62 -20.67 6.90
CA MET B 36 25.34 -19.84 8.06
C MET B 36 24.49 -20.58 9.08
N LEU B 37 23.67 -21.48 8.61
CA LEU B 37 22.82 -22.27 9.49
C LEU B 37 23.07 -23.78 9.40
N PRO B 38 24.24 -24.22 9.82
CA PRO B 38 24.69 -25.61 9.59
C PRO B 38 23.73 -26.67 10.17
N ASP B 39 23.10 -26.33 11.31
CA ASP B 39 22.02 -27.13 11.89
C ASP B 39 20.92 -27.49 10.87
N GLN B 40 20.65 -26.58 9.94
CA GLN B 40 19.54 -26.67 8.98
C GLN B 40 19.99 -27.00 7.56
N ARG B 41 21.25 -27.43 7.44
CA ARG B 41 21.91 -27.82 6.18
C ARG B 41 20.99 -28.50 5.15
N ASP B 42 20.36 -29.59 5.57
CA ASP B 42 19.65 -30.48 4.64
C ASP B 42 18.36 -29.86 4.11
N GLU B 43 17.64 -29.15 4.96
CA GLU B 43 16.41 -28.48 4.54
C GLU B 43 16.76 -27.34 3.57
N LEU B 44 17.84 -26.62 3.88
CA LEU B 44 18.32 -25.52 3.05
C LEU B 44 18.81 -25.98 1.67
N HIS B 45 19.65 -27.01 1.64
CA HIS B 45 20.09 -27.64 0.39
C HIS B 45 18.94 -28.10 -0.44
N LYS B 46 17.94 -28.70 0.20
CA LYS B 46 16.74 -29.17 -0.51
C LYS B 46 15.99 -28.02 -1.16
N LEU B 47 15.86 -26.90 -0.43
CA LEU B 47 15.21 -25.72 -1.00
C LEU B 47 16.00 -25.20 -2.18
N ALA B 48 17.34 -25.23 -2.08
CA ALA B 48 18.19 -24.76 -3.19
C ALA B 48 17.95 -25.55 -4.48
N LYS B 49 17.96 -26.88 -4.38
CA LYS B 49 17.74 -27.77 -5.53
C LYS B 49 16.37 -27.54 -6.16
N MET B 50 15.36 -27.35 -5.33
CA MET B 50 14.03 -27.06 -5.85
C MET B 50 14.04 -25.80 -6.73
N GLU B 51 14.72 -24.75 -6.25
CA GLU B 51 14.82 -23.52 -7.01
C GLU B 51 15.52 -23.80 -8.33
N GLN B 52 16.55 -24.64 -8.27
CA GLN B 52 17.26 -25.08 -9.46
C GLN B 52 16.37 -25.83 -10.45
N ARG B 53 15.43 -26.63 -9.95
CA ARG B 53 14.46 -27.32 -10.81
C ARG B 53 13.45 -26.36 -11.44
N HIS B 54 13.10 -25.30 -10.73
CA HIS B 54 12.21 -24.30 -11.29
C HIS B 54 12.89 -23.52 -12.38
N MET B 55 14.18 -23.27 -12.19
CA MET B 55 14.98 -22.61 -13.22
C MET B 55 14.90 -23.36 -14.55
N LYS B 56 15.10 -24.68 -14.52
CA LYS B 56 15.00 -25.49 -15.75
C LYS B 56 13.60 -25.41 -16.37
N GLY B 57 12.57 -25.42 -15.55
CA GLY B 57 11.20 -25.30 -16.05
C GLY B 57 11.01 -23.99 -16.79
N PHE B 58 11.49 -22.89 -16.21
CA PHE B 58 11.35 -21.58 -16.84
C PHE B 58 12.20 -21.41 -18.11
N MET B 59 13.36 -22.06 -18.16
CA MET B 59 14.12 -22.13 -19.42
C MET B 59 13.30 -22.76 -20.56
N ALA B 60 12.55 -23.82 -20.24
CA ALA B 60 11.67 -24.47 -21.23
C ALA B 60 10.55 -23.54 -21.76
N CYS B 61 10.00 -22.67 -20.89
CA CYS B 61 8.99 -21.70 -21.32
C CYS B 61 9.52 -20.78 -22.42
N GLY B 62 10.76 -20.34 -22.26
CA GLY B 62 11.43 -19.55 -23.29
C GLY B 62 11.61 -20.28 -24.61
N LYS B 63 12.13 -21.52 -24.58
CA LYS B 63 12.24 -22.34 -25.79
C LYS B 63 10.90 -22.49 -26.49
N ASN B 64 9.88 -22.83 -25.70
CA ASN B 64 8.51 -22.94 -26.17
C ASN B 64 8.06 -21.75 -27.02
N LEU B 65 8.52 -20.55 -26.69
CA LEU B 65 8.15 -19.36 -27.48
C LEU B 65 9.24 -18.91 -28.46
N SER B 66 10.29 -19.73 -28.60
CA SER B 66 11.43 -19.40 -29.46
C SER B 66 12.03 -18.07 -29.03
N VAL B 67 12.20 -17.90 -27.72
CA VAL B 67 12.77 -16.68 -27.19
C VAL B 67 14.04 -17.04 -26.46
N THR B 68 15.10 -16.29 -26.73
CA THR B 68 16.35 -16.43 -25.98
C THR B 68 16.34 -15.40 -24.85
N PRO B 69 16.55 -15.87 -23.62
CA PRO B 69 16.47 -14.92 -22.51
C PRO B 69 17.67 -13.97 -22.51
N ASP B 70 17.40 -12.70 -22.17
CA ASP B 70 18.44 -11.68 -22.01
C ASP B 70 19.00 -11.73 -20.57
N MET B 71 19.92 -12.67 -20.31
CA MET B 71 20.52 -12.90 -18.98
C MET B 71 21.27 -11.70 -18.42
N GLY B 72 21.86 -10.90 -19.31
CA GLY B 72 22.67 -9.75 -18.91
C GLY B 72 21.79 -8.68 -18.28
N PHE B 73 20.64 -8.45 -18.89
CA PHE B 73 19.68 -7.54 -18.34
C PHE B 73 19.22 -8.06 -16.98
N ALA B 74 18.98 -9.37 -16.89
CA ALA B 74 18.45 -9.97 -15.66
C ALA B 74 19.45 -9.88 -14.54
N GLN B 75 20.73 -10.02 -14.85
CA GLN B 75 21.75 -9.95 -13.82
C GLN B 75 21.86 -8.55 -13.20
N LYS B 76 21.74 -7.53 -14.04
CA LYS B 76 21.77 -6.15 -13.55
C LYS B 76 20.49 -5.81 -12.79
N TYR B 77 19.38 -6.50 -13.10
CA TYR B 77 18.10 -6.27 -12.43
C TYR B 77 18.15 -6.59 -10.93
N TYR B 78 18.81 -7.69 -10.57
CA TYR B 78 18.89 -8.15 -9.17
C TYR B 78 20.12 -7.65 -8.45
N GLU B 79 21.00 -7.00 -9.18
CA GLU B 79 22.34 -6.66 -8.67
C GLU B 79 22.37 -6.02 -7.28
N ARG B 80 21.54 -5.01 -7.05
CA ARG B 80 21.54 -4.33 -5.73
C ARG B 80 21.12 -5.27 -4.59
N LEU B 81 20.04 -6.01 -4.82
CA LEU B 81 19.58 -6.97 -3.83
C LEU B 81 20.64 -8.02 -3.61
N HIS B 82 21.23 -8.50 -4.70
CA HIS B 82 22.29 -9.49 -4.57
C HIS B 82 23.44 -8.96 -3.75
N GLU B 83 23.85 -7.73 -4.00
CA GLU B 83 24.93 -7.11 -3.25
C GLU B 83 24.64 -7.00 -1.75
N ASN B 84 23.43 -6.57 -1.41
CA ASN B 84 23.02 -6.48 -0.01
C ASN B 84 23.02 -7.85 0.65
N PHE B 85 22.60 -8.89 -0.09
CA PHE B 85 22.60 -10.21 0.48
C PHE B 85 24.04 -10.67 0.73
N LYS B 86 24.94 -10.43 -0.23
CA LYS B 86 26.36 -10.81 -0.11
C LYS B 86 27.06 -10.07 1.05
N ALA B 87 26.78 -8.77 1.19
CA ALA B 87 27.33 -8.00 2.30
C ALA B 87 26.83 -8.50 3.65
N ALA B 88 25.54 -8.82 3.75
CA ALA B 88 24.98 -9.39 4.98
C ALA B 88 25.58 -10.78 5.29
N ALA B 89 25.65 -11.65 4.29
CA ALA B 89 26.23 -12.98 4.46
C ALA B 89 27.64 -12.92 5.04
N ALA B 90 28.48 -12.07 4.45
CA ALA B 90 29.89 -11.92 4.91
C ALA B 90 30.00 -11.38 6.34
N GLU B 91 28.98 -10.66 6.81
CA GLU B 91 28.97 -10.15 8.18
C GLU B 91 28.25 -11.11 9.13
N GLY B 92 27.83 -12.26 8.60
CA GLY B 92 27.03 -13.22 9.36
C GLY B 92 25.64 -12.73 9.77
N LYS B 93 25.15 -11.67 9.12
CA LYS B 93 23.82 -11.13 9.39
C LYS B 93 22.75 -12.02 8.73
N VAL B 94 22.42 -13.13 9.38
CA VAL B 94 21.49 -14.09 8.82
C VAL B 94 20.05 -13.52 8.75
N VAL B 95 19.68 -12.72 9.74
CA VAL B 95 18.35 -12.09 9.72
C VAL B 95 18.12 -11.34 8.39
N THR B 96 19.07 -10.49 8.00
CA THR B 96 19.04 -9.73 6.77
C THR B 96 19.01 -10.62 5.53
N CYS B 97 19.81 -11.68 5.53
CA CYS B 97 19.82 -12.65 4.43
C CYS B 97 18.46 -13.32 4.26
N LEU B 98 17.86 -13.68 5.38
CA LEU B 98 16.54 -14.33 5.36
C LEU B 98 15.43 -13.35 4.93
N LEU B 99 15.49 -12.11 5.40
CA LEU B 99 14.50 -11.15 4.97
C LEU B 99 14.58 -11.01 3.44
N ILE B 100 15.79 -10.82 2.94
CA ILE B 100 15.97 -10.66 1.49
C ILE B 100 15.47 -11.87 0.68
N GLN B 101 15.98 -13.06 0.98
CA GLN B 101 15.60 -14.25 0.23
C GLN B 101 14.21 -14.79 0.63
N SER B 102 14.02 -15.10 1.90
CA SER B 102 12.82 -15.78 2.32
C SER B 102 11.55 -14.94 2.28
N LEU B 103 11.67 -13.63 2.47
CA LEU B 103 10.48 -12.79 2.48
C LEU B 103 10.32 -11.97 1.21
N ILE B 104 11.32 -11.14 0.92
CA ILE B 104 11.27 -10.24 -0.21
C ILE B 104 11.27 -10.97 -1.58
N ILE B 105 12.29 -11.80 -1.83
CA ILE B 105 12.39 -12.48 -3.12
C ILE B 105 11.28 -13.51 -3.31
N GLU B 106 10.97 -14.28 -2.27
CA GLU B 106 9.87 -15.24 -2.36
C GLU B 106 8.51 -14.59 -2.57
N CYS B 107 8.25 -13.47 -1.89
CA CYS B 107 6.98 -12.77 -2.09
C CYS B 107 6.93 -12.11 -3.46
N PHE B 108 8.06 -11.55 -3.90
CA PHE B 108 8.16 -11.01 -5.26
C PHE B 108 7.83 -12.08 -6.30
N ALA B 109 8.39 -13.28 -6.12
CA ALA B 109 8.09 -14.41 -7.01
C ALA B 109 6.63 -14.88 -6.99
N ILE B 110 6.09 -15.05 -5.79
CA ILE B 110 4.68 -15.44 -5.59
C ILE B 110 3.76 -14.47 -6.33
N ALA B 111 4.05 -13.18 -6.21
CA ALA B 111 3.26 -12.14 -6.85
C ALA B 111 3.32 -12.32 -8.35
N ALA B 112 4.53 -12.45 -8.87
CA ALA B 112 4.73 -12.50 -10.30
C ALA B 112 4.04 -13.74 -10.91
N TYR B 113 4.16 -14.91 -10.27
CA TYR B 113 3.50 -16.13 -10.78
C TYR B 113 1.97 -16.06 -10.77
N ASN B 114 1.40 -15.49 -9.72
CA ASN B 114 -0.07 -15.30 -9.62
C ASN B 114 -0.63 -14.40 -10.70
N ILE B 115 0.14 -13.38 -11.09
CA ILE B 115 -0.35 -12.43 -12.08
C ILE B 115 -0.08 -12.94 -13.49
N TYR B 116 0.98 -13.73 -13.63
CA TYR B 116 1.33 -14.31 -14.93
C TYR B 116 0.38 -15.45 -15.33
N ILE B 117 0.01 -16.32 -14.39
CA ILE B 117 -0.86 -17.46 -14.70
C ILE B 117 -2.12 -17.17 -15.56
N PRO B 118 -2.94 -16.13 -15.21
CA PRO B 118 -4.16 -15.90 -16.00
C PRO B 118 -3.90 -15.52 -17.46
N VAL B 119 -2.73 -14.96 -17.75
CA VAL B 119 -2.42 -14.51 -19.11
C VAL B 119 -1.27 -15.28 -19.78
N ALA B 120 -0.73 -16.29 -19.11
CA ALA B 120 0.39 -17.08 -19.67
C ALA B 120 -0.10 -17.87 -20.89
N ASP B 121 0.80 -18.22 -21.80
CA ASP B 121 0.46 -19.19 -22.84
C ASP B 121 0.21 -20.53 -22.15
N ALA B 122 -0.57 -21.41 -22.78
CA ALA B 122 -0.97 -22.67 -22.16
C ALA B 122 0.21 -23.51 -21.64
N PHE B 123 1.33 -23.52 -22.37
CA PHE B 123 2.49 -24.30 -21.95
C PHE B 123 3.08 -23.75 -20.66
N ALA B 124 3.36 -22.44 -20.66
CA ALA B 124 4.02 -21.77 -19.56
C ALA B 124 3.09 -21.77 -18.36
N ARG B 125 1.79 -21.71 -18.62
CA ARG B 125 0.81 -21.70 -17.54
C ARG B 125 0.90 -22.95 -16.67
N LYS B 126 1.00 -24.11 -17.31
CA LYS B 126 1.10 -25.35 -16.57
C LYS B 126 2.42 -25.45 -15.81
N ILE B 127 3.52 -25.09 -16.46
CA ILE B 127 4.79 -24.95 -15.75
C ILE B 127 4.65 -24.09 -14.47
N THR B 128 4.07 -22.91 -14.62
CA THR B 128 4.00 -21.95 -13.50
C THR B 128 3.10 -22.46 -12.37
N GLU B 129 1.99 -23.06 -12.74
CA GLU B 129 1.10 -23.71 -11.77
C GLU B 129 1.84 -24.73 -10.92
N GLY B 130 2.79 -25.43 -11.55
CA GLY B 130 3.60 -26.43 -10.85
C GLY B 130 4.54 -25.80 -9.85
N VAL B 131 5.14 -24.69 -10.24
CA VAL B 131 6.04 -23.95 -9.37
C VAL B 131 5.26 -23.34 -8.18
N VAL B 132 4.09 -22.78 -8.45
CA VAL B 132 3.22 -22.28 -7.36
C VAL B 132 2.82 -23.44 -6.42
N ARG B 133 2.50 -24.60 -6.99
CA ARG B 133 2.16 -25.74 -6.14
C ARG B 133 3.32 -26.15 -5.26
N ASP B 134 4.51 -26.23 -5.85
CA ASP B 134 5.74 -26.52 -5.09
C ASP B 134 5.94 -25.56 -3.92
N GLU B 135 5.62 -24.29 -4.13
CA GLU B 135 5.71 -23.29 -3.07
C GLU B 135 4.71 -23.49 -1.93
N TYR B 136 3.45 -23.78 -2.27
CA TYR B 136 2.45 -24.14 -1.27
C TYR B 136 2.84 -25.33 -0.41
N LEU B 137 3.41 -26.36 -1.04
CA LEU B 137 3.61 -27.65 -0.36
C LEU B 137 4.93 -27.80 0.39
N HIS B 138 5.80 -26.79 0.28
CA HIS B 138 7.01 -26.71 1.10
C HIS B 138 6.91 -25.57 2.07
N ARG B 139 7.44 -25.76 3.27
CA ARG B 139 7.41 -24.71 4.26
C ARG B 139 8.40 -23.59 3.88
N ASN B 140 8.02 -22.35 4.12
CA ASN B 140 8.97 -21.28 3.97
C ASN B 140 9.89 -21.35 5.18
N PHE B 141 11.13 -21.75 4.93
CA PHE B 141 12.10 -21.97 6.00
C PHE B 141 12.41 -20.68 6.75
N GLY B 142 12.51 -19.58 5.98
CA GLY B 142 12.90 -18.29 6.52
C GLY B 142 11.86 -17.69 7.43
N GLU B 143 10.58 -17.76 7.02
CA GLU B 143 9.47 -17.29 7.87
C GLU B 143 9.41 -17.99 9.21
N GLU B 144 9.58 -19.32 9.21
CA GLU B 144 9.51 -20.10 10.43
C GLU B 144 10.67 -19.82 11.37
N TRP B 145 11.87 -19.66 10.80
CA TRP B 145 13.04 -19.32 11.59
C TRP B 145 12.94 -17.94 12.21
N LEU B 146 12.48 -16.96 11.44
CA LEU B 146 12.29 -15.60 11.93
C LEU B 146 11.18 -15.54 12.95
N LYS B 147 10.13 -16.31 12.73
CA LYS B 147 9.05 -16.40 13.69
C LYS B 147 9.56 -16.98 15.01
N ALA B 148 10.34 -18.05 14.93
CA ALA B 148 10.92 -18.70 16.12
C ALA B 148 11.91 -17.79 16.86
N ASN B 149 12.51 -16.85 16.15
CA ASN B 149 13.55 -16.00 16.73
C ASN B 149 13.19 -14.53 16.63
N PHE B 150 11.90 -14.24 16.76
CA PHE B 150 11.37 -12.92 16.50
C PHE B 150 11.94 -11.81 17.39
N ASP B 151 11.88 -12.01 18.71
CA ASP B 151 12.36 -11.01 19.68
C ASP B 151 13.78 -10.54 19.40
N ALA B 152 14.69 -11.51 19.23
CA ALA B 152 16.09 -11.26 18.89
C ALA B 152 16.25 -10.61 17.51
N SER B 153 15.38 -10.95 16.57
CA SER B 153 15.53 -10.53 15.17
C SER B 153 14.77 -9.26 14.78
N LYS B 154 13.90 -8.78 15.66
CA LYS B 154 12.98 -7.68 15.32
C LYS B 154 13.66 -6.43 14.74
N ALA B 155 14.61 -5.90 15.47
CA ALA B 155 15.29 -4.68 15.10
C ALA B 155 16.05 -4.82 13.78
N GLU B 156 16.76 -5.94 13.58
CA GLU B 156 17.48 -6.10 12.32
C GLU B 156 16.48 -6.29 11.16
N LEU B 157 15.35 -6.92 11.43
CA LEU B 157 14.30 -7.07 10.43
C LEU B 157 13.82 -5.72 9.93
N GLU B 158 13.49 -4.83 10.87
CA GLU B 158 13.05 -3.47 10.55
C GLU B 158 14.09 -2.73 9.74
N GLU B 159 15.34 -2.83 10.16
CA GLU B 159 16.44 -2.20 9.45
C GLU B 159 16.60 -2.78 8.02
N ALA B 160 16.60 -4.11 7.91
CA ALA B 160 16.76 -4.75 6.61
C ALA B 160 15.60 -4.40 5.67
N ASN B 161 14.41 -4.22 6.22
CA ASN B 161 13.28 -3.78 5.42
C ASN B 161 13.50 -2.38 4.86
N ARG B 162 14.04 -1.49 5.69
CA ARG B 162 14.33 -0.12 5.25
C ARG B 162 15.35 -0.05 4.13
N GLN B 163 16.35 -0.94 4.18
CA GLN B 163 17.44 -0.94 3.21
C GLN B 163 17.04 -1.63 1.93
N ASN B 164 16.19 -2.65 2.03
CA ASN B 164 15.94 -3.51 0.88
C ASN B 164 14.59 -3.34 0.20
N LEU B 165 13.53 -3.07 0.94
CA LEU B 165 12.23 -2.87 0.33
C LEU B 165 12.17 -1.79 -0.79
N PRO B 166 12.91 -0.67 -0.64
CA PRO B 166 12.89 0.31 -1.75
C PRO B 166 13.47 -0.24 -3.06
N LEU B 167 14.36 -1.22 -2.95
CA LEU B 167 14.89 -1.92 -4.11
C LEU B 167 13.79 -2.65 -4.88
N VAL B 168 12.77 -3.11 -4.16
CA VAL B 168 11.62 -3.77 -4.78
C VAL B 168 10.79 -2.80 -5.59
N TRP B 169 10.51 -1.64 -5.00
CA TRP B 169 9.79 -0.59 -5.71
C TRP B 169 10.44 -0.33 -7.03
N LEU B 170 11.77 -0.20 -7.02
CA LEU B 170 12.58 -0.03 -8.22
C LEU B 170 12.42 -1.16 -9.24
N MET B 171 12.61 -2.39 -8.80
CA MET B 171 12.45 -3.58 -9.66
C MET B 171 11.06 -3.67 -10.27
N LEU B 172 10.04 -3.25 -9.53
CA LEU B 172 8.68 -3.17 -10.10
C LEU B 172 8.54 -2.11 -11.19
N ASN B 173 9.15 -0.94 -10.98
CA ASN B 173 9.21 0.12 -11.98
C ASN B 173 9.96 -0.26 -13.25
N GLU B 174 11.09 -0.95 -13.08
CA GLU B 174 11.92 -1.38 -14.22
C GLU B 174 11.32 -2.49 -15.10
N VAL B 175 10.36 -3.27 -14.59
CA VAL B 175 9.69 -4.28 -15.43
C VAL B 175 8.31 -3.90 -15.94
N ALA B 176 7.80 -2.76 -15.49
CA ALA B 176 6.44 -2.29 -15.82
C ALA B 176 6.04 -2.40 -17.30
N ASP B 177 6.86 -1.87 -18.20
CA ASP B 177 6.49 -1.85 -19.62
C ASP B 177 6.48 -3.25 -20.23
N ASP B 178 7.50 -4.05 -19.91
CA ASP B 178 7.55 -5.41 -20.36
C ASP B 178 6.43 -6.27 -19.81
N ALA B 179 6.11 -6.08 -18.53
CA ALA B 179 5.00 -6.79 -17.89
C ALA B 179 3.70 -6.52 -18.62
N ARG B 180 3.45 -5.25 -18.92
CA ARG B 180 2.26 -4.82 -19.66
C ARG B 180 2.15 -5.45 -21.06
N GLU B 181 3.27 -5.56 -21.78
CA GLU B 181 3.27 -6.27 -23.07
C GLU B 181 2.82 -7.71 -22.90
N LEU B 182 3.16 -8.33 -21.77
CA LEU B 182 2.70 -9.70 -21.50
C LEU B 182 1.28 -9.75 -20.91
N GLY B 183 0.62 -8.60 -20.83
CA GLY B 183 -0.74 -8.56 -20.32
C GLY B 183 -0.80 -8.49 -18.82
N MET B 184 0.30 -8.12 -18.18
CA MET B 184 0.37 -8.03 -16.71
C MET B 184 0.38 -6.58 -16.24
N GLU B 185 -0.49 -6.25 -15.31
CA GLU B 185 -0.58 -4.88 -14.81
C GLU B 185 0.34 -4.62 -13.62
N ARG B 186 0.98 -3.45 -13.63
CA ARG B 186 1.89 -2.99 -12.59
C ARG B 186 1.22 -2.96 -11.22
N GLU B 187 0.02 -2.39 -11.17
CA GLU B 187 -0.72 -2.27 -9.92
C GLU B 187 -1.00 -3.66 -9.35
N SER B 188 -1.37 -4.60 -10.22
CA SER B 188 -1.70 -5.95 -9.74
C SER B 188 -0.47 -6.67 -9.19
N LEU B 189 0.72 -6.37 -9.72
CA LEU B 189 1.97 -6.92 -9.16
C LEU B 189 2.29 -6.34 -7.78
N VAL B 190 2.12 -5.02 -7.66
CA VAL B 190 2.33 -4.32 -6.40
C VAL B 190 1.38 -4.85 -5.34
N GLU B 191 0.11 -4.98 -5.71
CA GLU B 191 -0.92 -5.45 -4.81
C GLU B 191 -0.65 -6.88 -4.33
N ASP B 192 -0.36 -7.78 -5.26
CA ASP B 192 -0.06 -9.15 -4.88
C ASP B 192 1.19 -9.29 -4.02
N PHE B 193 2.19 -8.45 -4.27
CA PHE B 193 3.36 -8.45 -3.41
C PHE B 193 3.01 -8.01 -1.98
N MET B 194 2.19 -6.98 -1.84
CA MET B 194 1.88 -6.44 -0.52
C MET B 194 1.13 -7.43 0.32
N ILE B 195 0.25 -8.18 -0.33
CA ILE B 195 -0.57 -9.18 0.33
C ILE B 195 0.35 -10.27 0.88
N ALA B 196 1.24 -10.76 0.02
CA ALA B 196 2.15 -11.85 0.38
C ALA B 196 3.15 -11.37 1.44
N TYR B 197 3.72 -10.19 1.22
CA TYR B 197 4.72 -9.64 2.14
C TYR B 197 4.16 -9.25 3.52
N GLY B 198 3.01 -8.58 3.51
CA GLY B 198 2.32 -8.20 4.75
C GLY B 198 1.93 -9.41 5.56
N GLU B 199 1.40 -10.44 4.89
CA GLU B 199 1.01 -11.67 5.57
C GLU B 199 2.22 -12.38 6.14
N ALA B 200 3.32 -12.41 5.40
CA ALA B 200 4.57 -13.00 5.94
C ALA B 200 5.04 -12.25 7.18
N LEU B 201 5.04 -10.91 7.14
CA LEU B 201 5.44 -10.10 8.30
C LEU B 201 4.56 -10.34 9.51
N GLU B 202 3.25 -10.42 9.31
CA GLU B 202 2.30 -10.72 10.39
C GLU B 202 2.55 -12.08 11.03
N ASN B 203 2.77 -13.12 10.23
CA ASN B 203 3.10 -14.45 10.77
C ASN B 203 4.39 -14.48 11.56
N ILE B 204 5.37 -13.67 11.13
CA ILE B 204 6.64 -13.50 11.84
C ILE B 204 6.38 -12.94 13.24
N GLY B 205 5.46 -11.99 13.35
CA GLY B 205 5.13 -11.38 14.65
C GLY B 205 4.92 -9.87 14.65
N PHE B 206 4.97 -9.24 13.48
CA PHE B 206 4.71 -7.80 13.43
C PHE B 206 3.20 -7.51 13.57
N THR B 207 2.86 -6.33 14.09
CA THR B 207 1.46 -5.95 14.22
C THR B 207 0.99 -5.25 12.94
N THR B 208 -0.32 -5.11 12.80
CA THR B 208 -0.91 -4.37 11.67
C THR B 208 -0.30 -2.97 11.49
N ARG B 209 -0.21 -2.22 12.58
CA ARG B 209 0.43 -0.90 12.59
C ARG B 209 1.87 -0.91 12.02
N GLU B 210 2.68 -1.85 12.50
CA GLU B 210 4.09 -1.99 12.07
C GLU B 210 4.19 -2.38 10.59
N ILE B 211 3.34 -3.32 10.17
CA ILE B 211 3.26 -3.71 8.75
C ILE B 211 2.83 -2.56 7.85
N MET B 212 1.82 -1.79 8.26
CA MET B 212 1.43 -0.59 7.49
C MET B 212 2.63 0.35 7.33
N ARG B 213 3.35 0.57 8.43
CA ARG B 213 4.50 1.47 8.44
C ARG B 213 5.60 0.91 7.54
N MET B 214 5.89 -0.38 7.67
CA MET B 214 6.97 -1.01 6.90
C MET B 214 6.70 -1.08 5.41
N SER B 215 5.43 -1.21 5.03
CA SER B 215 5.01 -1.16 3.62
C SER B 215 5.11 0.25 3.04
N ALA B 216 4.60 1.25 3.79
CA ALA B 216 4.67 2.65 3.37
C ALA B 216 6.13 3.05 3.07
N TYR B 217 7.02 2.76 4.03
CA TYR B 217 8.45 2.85 3.78
C TYR B 217 8.71 1.86 2.67
N GLY B 218 9.18 2.30 1.53
CA GLY B 218 9.44 1.34 0.48
C GLY B 218 8.54 1.46 -0.72
N LEU B 219 7.23 1.41 -0.49
CA LEU B 219 6.27 1.29 -1.59
C LEU B 219 5.42 2.54 -1.88
N ALA B 220 5.41 3.48 -0.95
CA ALA B 220 4.62 4.70 -1.10
C ALA B 220 5.43 5.96 -0.82
N ALA B 221 6.75 5.78 -0.71
CA ALA B 221 7.67 6.87 -0.37
C ALA B 221 7.83 7.89 -1.49
N VAL B 222 7.25 7.58 -2.66
CA VAL B 222 7.28 8.48 -3.81
C VAL B 222 6.05 8.28 -4.72
#